data_5O0F
#
_entry.id   5O0F
#
_cell.length_a   76.073
_cell.length_b   125.239
_cell.length_c   118.460
_cell.angle_alpha   90.000
_cell.angle_beta   90.000
_cell.angle_gamma   90.000
#
_symmetry.space_group_name_H-M   'C 2 2 21'
#
loop_
_entity.id
_entity.type
_entity.pdbx_description
1 polymer 'Phosphopantetheine adenylyltransferase'
2 non-polymer 'INDOLYLPROPIONIC ACID'
3 water water
#
_entity_poly.entity_id   1
_entity_poly.type   'polypeptide(L)'
_entity_poly.pdbx_seq_one_letter_code
;SMTGAVCPGSFDPVTLGHLDVFERAAAQFDEVIVAVLINPNKAGMFTVDERIEMIRESTADLPNLRVESGQGLLVDFVRE
RGLNAIVKGLRTGTDFEYELQMAQMNKHIAGVDTFFVATAPAYSFVSSSLAKEVATYGGDVSALLPASVHQRLLGKLRGQ
AQ
;
_entity_poly.pdbx_strand_id   A,B,C
#
# COMPACT_ATOMS: atom_id res chain seq x y z
N MET A 2 -32.82 4.25 -20.63
CA MET A 2 -31.81 3.23 -20.84
C MET A 2 -30.66 3.39 -19.83
N THR A 3 -30.71 2.60 -18.77
CA THR A 3 -29.72 2.69 -17.71
C THR A 3 -28.45 1.97 -18.12
N GLY A 4 -27.34 2.28 -17.46
CA GLY A 4 -26.12 1.60 -17.82
C GLY A 4 -24.97 1.86 -16.89
N ALA A 5 -24.01 0.94 -16.88
CA ALA A 5 -22.86 1.08 -16.01
C ALA A 5 -21.60 0.57 -16.69
N VAL A 6 -20.48 1.13 -16.28
CA VAL A 6 -19.16 0.67 -16.74
C VAL A 6 -18.45 -0.08 -15.63
N CYS A 7 -17.92 -1.26 -15.94
CA CYS A 7 -17.14 -2.07 -15.02
C CYS A 7 -15.68 -2.04 -15.44
N PRO A 8 -14.84 -1.27 -14.73
CA PRO A 8 -13.46 -1.04 -15.16
C PRO A 8 -12.46 -1.97 -14.47
N GLY A 9 -11.32 -2.14 -15.13
CA GLY A 9 -10.22 -2.89 -14.54
C GLY A 9 -9.15 -3.11 -15.59
N SER A 10 -8.01 -3.65 -15.17
CA SER A 10 -6.98 -4.02 -16.13
C SER A 10 -7.21 -5.44 -16.61
N PHE A 11 -7.89 -6.24 -15.79
CA PHE A 11 -8.32 -7.61 -16.15
C PHE A 11 -7.21 -8.40 -16.83
N ASP A 12 -6.08 -8.52 -16.12
CA ASP A 12 -4.86 -9.11 -16.64
C ASP A 12 -4.38 -10.29 -15.80
N PRO A 13 -5.13 -11.40 -15.76
CA PRO A 13 -6.37 -11.72 -16.47
C PRO A 13 -7.62 -11.48 -15.65
N VAL A 14 -8.77 -11.49 -16.31
CA VAL A 14 -10.06 -11.51 -15.62
C VAL A 14 -10.13 -12.73 -14.66
N THR A 15 -10.71 -12.52 -13.47
CA THR A 15 -10.91 -13.61 -12.51
C THR A 15 -12.39 -13.92 -12.31
N LEU A 16 -12.70 -15.00 -11.60
CA LEU A 16 -14.08 -15.32 -11.28
C LEU A 16 -14.71 -14.25 -10.39
N GLY A 17 -13.89 -13.57 -9.59
CA GLY A 17 -14.38 -12.44 -8.81
C GLY A 17 -14.88 -11.31 -9.71
N HIS A 18 -14.12 -11.00 -10.75
CA HIS A 18 -14.56 -10.00 -11.73
C HIS A 18 -15.83 -10.43 -12.42
N LEU A 19 -15.88 -11.69 -12.84
CA LEU A 19 -17.05 -12.21 -13.57
C LEU A 19 -18.30 -12.13 -12.71
N ASP A 20 -18.17 -12.44 -11.43
CA ASP A 20 -19.29 -12.30 -10.51
C ASP A 20 -19.79 -10.85 -10.49
N VAL A 21 -18.88 -9.88 -10.44
CA VAL A 21 -19.28 -8.47 -10.48
C VAL A 21 -19.97 -8.12 -11.82
N PHE A 22 -19.41 -8.58 -12.94
CA PHE A 22 -20.05 -8.35 -14.25
C PHE A 22 -21.50 -8.85 -14.26
N GLU A 23 -21.69 -10.07 -13.77
CA GLU A 23 -23.02 -10.68 -13.75
C GLU A 23 -23.99 -9.89 -12.88
N ARG A 24 -23.53 -9.41 -11.73
CA ARG A 24 -24.43 -8.65 -10.88
C ARG A 24 -24.77 -7.29 -11.49
N ALA A 25 -23.80 -6.65 -12.15
CA ALA A 25 -24.07 -5.38 -12.82
C ALA A 25 -25.04 -5.60 -13.97
N ALA A 26 -24.81 -6.66 -14.75
CA ALA A 26 -25.67 -6.94 -15.91
C ALA A 26 -27.10 -7.21 -15.48
N ALA A 27 -27.28 -7.69 -14.25
CA ALA A 27 -28.61 -7.99 -13.75
C ALA A 27 -29.37 -6.75 -13.31
N GLN A 28 -28.66 -5.65 -13.08
CA GLN A 28 -29.27 -4.47 -12.48
C GLN A 28 -29.28 -3.22 -13.36
N PHE A 29 -28.58 -3.28 -14.50
CA PHE A 29 -28.48 -2.15 -15.43
C PHE A 29 -28.82 -2.62 -16.84
N ASP A 30 -29.44 -1.77 -17.65
CA ASP A 30 -29.84 -2.23 -18.97
C ASP A 30 -28.64 -2.61 -19.85
N GLU A 31 -27.56 -1.85 -19.76
CA GLU A 31 -26.35 -2.20 -20.48
C GLU A 31 -25.15 -2.11 -19.55
N VAL A 32 -24.19 -2.99 -19.75
CA VAL A 32 -22.94 -2.92 -19.05
C VAL A 32 -21.77 -2.96 -20.03
N ILE A 33 -20.81 -2.07 -19.82
CA ILE A 33 -19.59 -2.09 -20.62
C ILE A 33 -18.44 -2.42 -19.70
N VAL A 34 -17.73 -3.49 -20.02
CA VAL A 34 -16.48 -3.80 -19.34
C VAL A 34 -15.39 -2.94 -19.96
N ALA A 35 -14.73 -2.13 -19.14
CA ALA A 35 -13.71 -1.23 -19.64
C ALA A 35 -12.34 -1.79 -19.32
N VAL A 36 -11.62 -2.22 -20.35
CA VAL A 36 -10.31 -2.84 -20.15
C VAL A 36 -9.26 -1.75 -20.28
N LEU A 37 -8.72 -1.32 -19.14
CA LEU A 37 -7.84 -0.18 -19.14
C LEU A 37 -6.39 -0.64 -19.40
N ILE A 38 -5.77 -0.05 -20.43
CA ILE A 38 -4.45 -0.46 -20.91
C ILE A 38 -3.43 0.64 -20.66
N ASN A 39 -2.36 0.33 -19.93
CA ASN A 39 -1.27 1.29 -19.74
C ASN A 39 -0.35 1.23 -20.95
N PRO A 40 -0.30 2.33 -21.74
CA PRO A 40 0.50 2.35 -22.97
C PRO A 40 1.99 2.28 -22.66
N ASN A 41 2.35 2.45 -21.40
CA ASN A 41 3.74 2.46 -20.96
C ASN A 41 4.23 1.09 -20.47
N LYS A 42 3.42 0.39 -19.68
CA LYS A 42 3.84 -0.92 -19.18
C LYS A 42 2.89 -2.03 -19.63
N ALA A 43 3.41 -2.96 -20.42
CA ALA A 43 2.63 -4.09 -20.88
C ALA A 43 2.35 -5.04 -19.72
N GLY A 44 1.14 -5.60 -19.69
CA GLY A 44 0.82 -6.57 -18.67
C GLY A 44 1.24 -7.93 -19.16
N MET A 45 0.71 -8.97 -18.53
CA MET A 45 0.98 -10.32 -18.99
C MET A 45 0.27 -10.64 -20.29
N PHE A 46 -0.96 -10.14 -20.44
CA PHE A 46 -1.75 -10.44 -21.63
C PHE A 46 -1.93 -9.20 -22.49
N THR A 47 -1.93 -9.40 -23.80
CA THR A 47 -2.20 -8.29 -24.72
C THR A 47 -3.65 -7.87 -24.60
N VAL A 48 -3.99 -6.72 -25.16
CA VAL A 48 -5.37 -6.26 -25.16
C VAL A 48 -6.32 -7.28 -25.81
N ASP A 49 -5.91 -7.84 -26.96
CA ASP A 49 -6.72 -8.84 -27.63
C ASP A 49 -7.01 -10.03 -26.73
N GLU A 50 -5.95 -10.49 -26.05
CA GLU A 50 -6.08 -11.65 -25.18
C GLU A 50 -7.02 -11.37 -24.01
N ARG A 51 -6.85 -10.21 -23.39
CA ARG A 51 -7.72 -9.83 -22.27
C ARG A 51 -9.18 -9.78 -22.66
N ILE A 52 -9.47 -9.16 -23.80
CA ILE A 52 -10.84 -9.06 -24.27
C ILE A 52 -11.39 -10.43 -24.62
N GLU A 53 -10.61 -11.25 -25.29
CA GLU A 53 -11.10 -12.59 -25.62
C GLU A 53 -11.43 -13.42 -24.39
N MET A 54 -10.58 -13.36 -23.36
CA MET A 54 -10.87 -14.15 -22.16
C MET A 54 -12.15 -13.67 -21.48
N ILE A 55 -12.40 -12.36 -21.53
CA ILE A 55 -13.63 -11.84 -20.93
C ILE A 55 -14.85 -12.24 -21.75
N ARG A 56 -14.74 -12.12 -23.06
CA ARG A 56 -15.88 -12.43 -23.92
C ARG A 56 -16.28 -13.88 -23.80
N GLU A 57 -15.29 -14.75 -23.76
CA GLU A 57 -15.55 -16.18 -23.70
C GLU A 57 -16.30 -16.59 -22.42
N SER A 58 -16.09 -15.85 -21.33
CA SER A 58 -16.72 -16.24 -20.08
C SER A 58 -17.96 -15.40 -19.75
N THR A 59 -18.35 -14.52 -20.67
CA THR A 59 -19.55 -13.70 -20.49
C THR A 59 -20.58 -13.86 -21.60
N ALA A 60 -20.46 -14.93 -22.37
CA ALA A 60 -21.33 -15.12 -23.53
C ALA A 60 -22.81 -15.18 -23.17
N ASP A 61 -23.11 -15.60 -21.94
CA ASP A 61 -24.49 -15.69 -21.47
C ASP A 61 -25.03 -14.38 -20.89
N LEU A 62 -24.29 -13.29 -21.08
CA LEU A 62 -24.74 -11.97 -20.63
C LEU A 62 -24.98 -11.08 -21.84
N PRO A 63 -26.22 -11.08 -22.37
CA PRO A 63 -26.46 -10.46 -23.68
C PRO A 63 -26.42 -8.93 -23.64
N ASN A 64 -26.50 -8.33 -22.46
CA ASN A 64 -26.48 -6.87 -22.35
C ASN A 64 -25.11 -6.33 -21.93
N LEU A 65 -24.09 -7.17 -21.99
CA LEU A 65 -22.73 -6.76 -21.67
C LEU A 65 -21.84 -6.73 -22.90
N ARG A 66 -21.01 -5.69 -23.02
CA ARG A 66 -19.98 -5.67 -24.05
C ARG A 66 -18.64 -5.26 -23.46
N VAL A 67 -17.57 -5.49 -24.23
CA VAL A 67 -16.20 -5.30 -23.74
C VAL A 67 -15.41 -4.38 -24.66
N GLU A 68 -14.87 -3.30 -24.11
CA GLU A 68 -14.08 -2.34 -24.89
C GLU A 68 -12.84 -1.92 -24.10
N SER A 69 -11.72 -1.69 -24.78
CA SER A 69 -10.51 -1.22 -24.10
C SER A 69 -10.42 0.31 -24.12
N GLY A 70 -9.56 0.86 -23.26
CA GLY A 70 -9.38 2.30 -23.23
C GLY A 70 -8.16 2.68 -22.44
N GLN A 71 -7.90 3.98 -22.35
CA GLN A 71 -6.78 4.46 -21.53
C GLN A 71 -7.08 5.89 -21.10
N GLY A 72 -6.23 6.46 -20.26
CA GLY A 72 -6.46 7.81 -19.77
C GLY A 72 -7.52 7.81 -18.69
N LEU A 73 -8.31 8.89 -18.59
CA LEU A 73 -9.32 9.02 -17.54
C LEU A 73 -10.54 8.12 -17.75
N LEU A 74 -10.82 7.30 -16.73
CA LEU A 74 -12.01 6.46 -16.79
C LEU A 74 -13.28 7.28 -17.03
N VAL A 75 -13.40 8.43 -16.38
CA VAL A 75 -14.62 9.21 -16.53
C VAL A 75 -14.84 9.65 -17.98
N ASP A 76 -13.78 9.85 -18.76
CA ASP A 76 -13.98 10.17 -20.17
C ASP A 76 -14.55 8.98 -20.95
N PHE A 77 -14.04 7.78 -20.66
CA PHE A 77 -14.55 6.55 -21.27
C PHE A 77 -16.05 6.40 -20.96
N VAL A 78 -16.42 6.70 -19.71
CA VAL A 78 -17.81 6.55 -19.28
C VAL A 78 -18.71 7.58 -19.98
N ARG A 79 -18.32 8.84 -19.91
CA ARG A 79 -19.16 9.92 -20.42
C ARG A 79 -19.29 9.88 -21.93
N GLU A 80 -18.24 9.46 -22.62
CA GLU A 80 -18.28 9.45 -24.09
C GLU A 80 -19.26 8.37 -24.59
N ARG A 81 -19.63 7.45 -23.71
CA ARG A 81 -20.65 6.47 -24.03
C ARG A 81 -22.03 6.86 -23.51
N GLY A 82 -22.15 8.10 -23.03
CA GLY A 82 -23.42 8.62 -22.57
C GLY A 82 -23.88 8.08 -21.23
N LEU A 83 -22.94 7.54 -20.48
CA LEU A 83 -23.26 6.96 -19.17
C LEU A 83 -22.64 7.82 -18.07
N ASN A 84 -23.01 7.56 -16.82
CA ASN A 84 -22.31 8.25 -15.74
C ASN A 84 -22.33 7.42 -14.47
N ALA A 85 -22.19 6.11 -14.62
CA ALA A 85 -22.05 5.21 -13.48
C ALA A 85 -20.93 4.21 -13.69
N ILE A 86 -20.14 4.00 -12.63
CA ILE A 86 -19.10 2.97 -12.55
C ILE A 86 -19.57 1.93 -11.54
N VAL A 87 -19.39 0.64 -11.84
CA VAL A 87 -19.62 -0.42 -10.86
C VAL A 87 -18.30 -1.16 -10.61
N LYS A 88 -17.91 -1.25 -9.34
CA LYS A 88 -16.61 -1.82 -8.99
C LYS A 88 -16.81 -2.80 -7.83
N GLY A 89 -16.11 -3.93 -7.85
CA GLY A 89 -16.19 -4.86 -6.72
C GLY A 89 -15.20 -4.49 -5.64
N LEU A 90 -15.53 -4.79 -4.39
CA LEU A 90 -14.67 -4.43 -3.24
C LEU A 90 -14.59 -5.59 -2.31
N ARG A 91 -13.39 -5.81 -1.76
N ARG A 91 -13.43 -5.78 -1.70
CA ARG A 91 -13.15 -6.93 -0.84
CA ARG A 91 -13.25 -6.92 -0.83
C ARG A 91 -13.07 -6.48 0.61
C ARG A 91 -13.00 -6.53 0.63
N THR A 92 -12.35 -5.39 0.85
CA THR A 92 -12.01 -4.97 2.23
C THR A 92 -12.35 -3.53 2.55
N GLY A 93 -12.28 -3.19 3.83
CA GLY A 93 -12.35 -1.82 4.26
C GLY A 93 -11.20 -1.00 3.69
N THR A 94 -10.01 -1.60 3.58
CA THR A 94 -8.86 -0.91 2.99
C THR A 94 -9.14 -0.58 1.53
N ASP A 95 -9.69 -1.54 0.80
CA ASP A 95 -10.16 -1.29 -0.57
C ASP A 95 -11.11 -0.10 -0.61
N PHE A 96 -12.05 -0.05 0.33
CA PHE A 96 -13.07 0.99 0.29
C PHE A 96 -12.44 2.37 0.46
N GLU A 97 -11.45 2.50 1.34
CA GLU A 97 -10.87 3.82 1.61
C GLU A 97 -10.13 4.42 0.41
N TYR A 98 -9.33 3.62 -0.30
CA TYR A 98 -8.60 4.20 -1.43
C TYR A 98 -9.49 4.33 -2.68
N GLU A 99 -10.43 3.40 -2.87
CA GLU A 99 -11.41 3.54 -3.94
C GLU A 99 -12.37 4.69 -3.66
N LEU A 100 -12.56 4.98 -2.37
CA LEU A 100 -13.39 6.11 -1.97
C LEU A 100 -12.81 7.41 -2.52
N GLN A 101 -11.49 7.56 -2.39
CA GLN A 101 -10.77 8.73 -2.91
C GLN A 101 -11.01 8.87 -4.41
N MET A 102 -10.85 7.78 -5.13
CA MET A 102 -10.98 7.87 -6.58
C MET A 102 -12.43 8.13 -6.99
N ALA A 103 -13.39 7.54 -6.29
CA ALA A 103 -14.81 7.81 -6.58
C ALA A 103 -15.19 9.28 -6.30
N GLN A 104 -14.70 9.86 -5.21
CA GLN A 104 -15.02 11.25 -4.92
C GLN A 104 -14.40 12.16 -5.98
N MET A 105 -13.17 11.84 -6.38
CA MET A 105 -12.50 12.63 -7.41
C MET A 105 -13.25 12.54 -8.74
N ASN A 106 -13.69 11.34 -9.09
CA ASN A 106 -14.39 11.13 -10.36
C ASN A 106 -15.74 11.85 -10.39
N LYS A 107 -16.42 11.87 -9.25
CA LYS A 107 -17.68 12.62 -9.12
C LYS A 107 -17.41 14.13 -9.25
N HIS A 108 -16.35 14.59 -8.59
CA HIS A 108 -15.95 15.99 -8.63
C HIS A 108 -15.67 16.47 -10.04
N ILE A 109 -14.85 15.74 -10.78
CA ILE A 109 -14.36 16.24 -12.07
C ILE A 109 -15.32 16.02 -13.22
N ALA A 110 -16.21 15.02 -13.11
CA ALA A 110 -17.05 14.68 -14.26
C ALA A 110 -18.48 14.28 -13.91
N GLY A 111 -18.84 14.33 -12.64
CA GLY A 111 -20.21 14.01 -12.24
C GLY A 111 -20.56 12.54 -12.38
N VAL A 112 -19.54 11.69 -12.51
CA VAL A 112 -19.75 10.25 -12.65
C VAL A 112 -19.87 9.60 -11.28
N ASP A 113 -20.92 8.79 -11.10
CA ASP A 113 -21.15 8.08 -9.84
C ASP A 113 -20.42 6.74 -9.79
N THR A 114 -20.12 6.25 -8.59
CA THR A 114 -19.51 4.93 -8.47
C THR A 114 -20.32 4.09 -7.50
N PHE A 115 -20.70 2.88 -7.93
CA PHE A 115 -21.40 1.95 -7.05
C PHE A 115 -20.47 0.78 -6.77
N PHE A 116 -20.27 0.47 -5.49
CA PHE A 116 -19.43 -0.66 -5.11
C PHE A 116 -20.28 -1.87 -4.75
N VAL A 117 -19.79 -3.06 -5.06
CA VAL A 117 -20.47 -4.28 -4.62
C VAL A 117 -19.45 -5.16 -3.90
N ALA A 118 -19.88 -5.81 -2.82
CA ALA A 118 -19.02 -6.77 -2.14
C ALA A 118 -18.89 -8.02 -3.00
N THR A 119 -17.67 -8.51 -3.28
CA THR A 119 -17.63 -9.69 -4.15
C THR A 119 -18.12 -10.86 -3.34
N ALA A 120 -18.42 -11.95 -4.04
CA ALA A 120 -18.87 -13.18 -3.40
C ALA A 120 -17.79 -13.65 -2.47
N PRO A 121 -18.18 -14.23 -1.33
CA PRO A 121 -17.20 -14.77 -0.37
C PRO A 121 -16.18 -15.72 -0.98
N ALA A 122 -16.60 -16.60 -1.87
CA ALA A 122 -15.72 -17.63 -2.44
C ALA A 122 -14.56 -17.07 -3.25
N TYR A 123 -14.72 -15.84 -3.75
CA TYR A 123 -13.74 -15.24 -4.64
C TYR A 123 -13.03 -14.08 -3.98
N SER A 124 -13.29 -13.89 -2.70
CA SER A 124 -12.79 -12.75 -1.95
C SER A 124 -11.27 -12.63 -1.97
N PHE A 125 -10.57 -13.76 -1.99
CA PHE A 125 -9.11 -13.71 -1.88
C PHE A 125 -8.42 -13.79 -3.24
N VAL A 126 -9.16 -13.90 -4.33
CA VAL A 126 -8.51 -13.91 -5.62
C VAL A 126 -8.33 -12.49 -6.12
N SER A 127 -7.14 -12.23 -6.66
CA SER A 127 -6.89 -11.03 -7.45
C SER A 127 -6.10 -11.44 -8.67
N SER A 128 -6.11 -10.62 -9.71
CA SER A 128 -5.31 -10.95 -10.88
C SER A 128 -3.85 -11.11 -10.49
N SER A 129 -3.36 -10.20 -9.65
CA SER A 129 -1.92 -10.19 -9.36
C SER A 129 -1.52 -11.40 -8.50
N LEU A 130 -2.34 -11.74 -7.51
CA LEU A 130 -1.99 -12.89 -6.66
C LEU A 130 -2.14 -14.19 -7.43
N ALA A 131 -3.13 -14.26 -8.31
CA ALA A 131 -3.29 -15.47 -9.13
C ALA A 131 -2.07 -15.66 -10.02
N LYS A 132 -1.62 -14.58 -10.64
CA LYS A 132 -0.40 -14.64 -11.45
C LYS A 132 0.79 -15.10 -10.61
N GLU A 133 0.98 -14.46 -9.45
CA GLU A 133 2.13 -14.78 -8.62
C GLU A 133 2.12 -16.24 -8.18
N VAL A 134 0.96 -16.73 -7.77
CA VAL A 134 0.90 -18.10 -7.30
C VAL A 134 1.15 -19.08 -8.45
N ALA A 135 0.53 -18.83 -9.60
CA ALA A 135 0.73 -19.67 -10.77
C ALA A 135 2.19 -19.65 -11.24
N THR A 136 2.87 -18.52 -11.07
CA THR A 136 4.27 -18.40 -11.50
C THR A 136 5.12 -19.45 -10.81
N TYR A 137 4.82 -19.67 -9.53
CA TYR A 137 5.60 -20.60 -8.72
C TYR A 137 4.90 -21.95 -8.58
N GLY A 138 3.96 -22.20 -9.49
CA GLY A 138 3.37 -23.52 -9.65
C GLY A 138 2.13 -23.87 -8.85
N GLY A 139 1.56 -22.90 -8.13
CA GLY A 139 0.38 -23.18 -7.33
C GLY A 139 -0.88 -23.35 -8.18
N ASP A 140 -1.82 -24.16 -7.70
CA ASP A 140 -3.03 -24.45 -8.46
C ASP A 140 -4.13 -23.39 -8.24
N VAL A 141 -4.39 -22.60 -9.28
CA VAL A 141 -5.39 -21.54 -9.21
C VAL A 141 -6.56 -21.79 -10.17
N SER A 142 -6.72 -23.04 -10.60
CA SER A 142 -7.75 -23.39 -11.58
C SER A 142 -9.17 -23.05 -11.14
N ALA A 143 -9.43 -23.03 -9.83
CA ALA A 143 -10.79 -22.82 -9.34
C ALA A 143 -11.12 -21.34 -9.17
N LEU A 144 -10.16 -20.47 -9.44
CA LEU A 144 -10.31 -19.03 -9.20
C LEU A 144 -10.45 -18.23 -10.48
N LEU A 145 -10.20 -18.90 -11.60
CA LEU A 145 -10.21 -18.29 -12.92
C LEU A 145 -11.18 -19.05 -13.80
N PRO A 146 -11.86 -18.34 -14.70
CA PRO A 146 -12.68 -19.05 -15.68
C PRO A 146 -11.83 -19.96 -16.56
N ALA A 147 -12.48 -20.95 -17.17
CA ALA A 147 -11.79 -21.85 -18.09
C ALA A 147 -11.09 -21.08 -19.21
N SER A 148 -11.66 -19.94 -19.60
CA SER A 148 -11.09 -19.14 -20.68
C SER A 148 -9.70 -18.60 -20.34
N VAL A 149 -9.33 -18.68 -19.06
CA VAL A 149 -8.10 -18.05 -18.58
C VAL A 149 -7.00 -19.04 -18.18
N HIS A 150 -7.38 -20.08 -17.44
CA HIS A 150 -6.38 -20.85 -16.68
C HIS A 150 -5.25 -21.39 -17.55
N GLN A 151 -5.58 -21.99 -18.68
CA GLN A 151 -4.52 -22.63 -19.45
C GLN A 151 -3.75 -21.62 -20.31
N ARG A 152 -4.41 -20.55 -20.75
CA ARG A 152 -3.68 -19.46 -21.40
C ARG A 152 -2.65 -18.88 -20.45
N LEU A 153 -3.02 -18.77 -19.18
CA LEU A 153 -2.10 -18.31 -18.15
C LEU A 153 -0.89 -19.23 -18.02
N LEU A 154 -1.15 -20.53 -17.94
CA LEU A 154 -0.04 -21.48 -17.79
C LEU A 154 0.86 -21.40 -19.02
N GLY A 155 0.24 -21.26 -20.18
CA GLY A 155 0.94 -21.04 -21.43
C GLY A 155 1.87 -19.83 -21.41
N LYS A 156 1.37 -18.69 -20.95
CA LYS A 156 2.22 -17.50 -20.82
C LYS A 156 3.42 -17.78 -19.94
N LEU A 157 3.18 -18.51 -18.85
CA LEU A 157 4.21 -18.75 -17.87
C LEU A 157 5.25 -19.73 -18.38
N ARG A 158 4.83 -20.69 -19.20
CA ARG A 158 5.78 -21.65 -19.77
C ARG A 158 6.29 -21.20 -21.14
N MET B 2 3.12 -35.05 16.83
CA MET B 2 4.08 -33.96 16.84
C MET B 2 3.63 -32.79 15.96
N THR B 3 3.54 -31.62 16.58
CA THR B 3 2.98 -30.43 15.95
C THR B 3 4.10 -29.54 15.43
N GLY B 4 3.78 -28.62 14.52
CA GLY B 4 4.82 -27.77 13.98
C GLY B 4 4.30 -26.60 13.16
N ALA B 5 5.12 -25.56 13.08
CA ALA B 5 4.76 -24.38 12.30
C ALA B 5 5.96 -23.75 11.63
N VAL B 6 5.71 -23.02 10.55
CA VAL B 6 6.78 -22.31 9.84
C VAL B 6 6.56 -20.82 10.01
N CYS B 7 7.63 -20.09 10.34
CA CYS B 7 7.57 -18.64 10.48
C CYS B 7 8.36 -18.00 9.34
N PRO B 8 7.66 -17.46 8.33
CA PRO B 8 8.32 -16.98 7.12
C PRO B 8 8.65 -15.50 7.13
N GLY B 9 9.66 -15.12 6.38
CA GLY B 9 9.92 -13.70 6.18
C GLY B 9 11.21 -13.50 5.42
N SER B 10 11.55 -12.24 5.19
CA SER B 10 12.84 -11.90 4.61
C SER B 10 13.87 -11.68 5.71
N PHE B 11 13.42 -11.16 6.87
CA PHE B 11 14.28 -10.91 8.03
C PHE B 11 15.58 -10.21 7.66
N ASP B 12 15.47 -8.99 7.13
CA ASP B 12 16.61 -8.25 6.61
C ASP B 12 16.76 -6.89 7.28
N PRO B 13 17.15 -6.85 8.55
CA PRO B 13 17.51 -7.96 9.46
C PRO B 13 16.36 -8.36 10.38
N VAL B 14 16.53 -9.48 11.08
CA VAL B 14 15.59 -9.88 12.13
C VAL B 14 15.50 -8.76 13.17
N THR B 15 14.27 -8.48 13.63
CA THR B 15 14.04 -7.50 14.67
C THR B 15 13.56 -8.17 15.97
N LEU B 16 13.40 -7.40 17.04
CA LEU B 16 12.89 -7.95 18.27
C LEU B 16 11.40 -8.30 18.14
N GLY B 17 10.73 -7.67 17.16
CA GLY B 17 9.36 -8.03 16.86
C GLY B 17 9.29 -9.45 16.31
N HIS B 18 10.20 -9.75 15.39
CA HIS B 18 10.27 -11.09 14.83
C HIS B 18 10.58 -12.09 15.92
N LEU B 19 11.54 -11.74 16.77
CA LEU B 19 12.02 -12.67 17.78
C LEU B 19 10.88 -13.00 18.73
N ASP B 20 10.06 -11.99 19.03
CA ASP B 20 8.93 -12.18 19.93
C ASP B 20 7.98 -13.23 19.36
N VAL B 21 7.68 -13.10 18.07
CA VAL B 21 6.86 -14.10 17.39
C VAL B 21 7.51 -15.49 17.42
N PHE B 22 8.81 -15.56 17.14
CA PHE B 22 9.53 -16.85 17.16
C PHE B 22 9.35 -17.51 18.53
N GLU B 23 9.53 -16.72 19.57
CA GLU B 23 9.45 -17.24 20.94
C GLU B 23 8.06 -17.78 21.24
N ARG B 24 7.04 -17.06 20.81
CA ARG B 24 5.69 -17.50 21.08
C ARG B 24 5.32 -18.75 20.28
N ALA B 25 5.81 -18.84 19.05
CA ALA B 25 5.56 -20.03 18.25
C ALA B 25 6.26 -21.22 18.88
N ALA B 26 7.50 -21.01 19.30
CA ALA B 26 8.31 -22.11 19.85
C ALA B 26 7.72 -22.63 21.15
N ALA B 27 6.98 -21.77 21.84
CA ALA B 27 6.36 -22.14 23.11
C ALA B 27 5.09 -22.97 22.92
N GLN B 28 4.53 -22.95 21.71
CA GLN B 28 3.22 -23.56 21.47
C GLN B 28 3.23 -24.72 20.47
N PHE B 29 4.30 -24.85 19.69
CA PHE B 29 4.42 -25.95 18.72
C PHE B 29 5.65 -26.81 19.03
N ASP B 30 5.60 -28.09 18.71
CA ASP B 30 6.72 -28.97 19.05
C ASP B 30 7.95 -28.61 18.25
N GLU B 31 7.72 -28.14 17.02
CA GLU B 31 8.81 -27.77 16.13
C GLU B 31 8.47 -26.46 15.42
N VAL B 32 9.44 -25.54 15.32
CA VAL B 32 9.26 -24.33 14.51
C VAL B 32 10.40 -24.21 13.52
N ILE B 33 10.06 -23.87 12.26
CA ILE B 33 11.08 -23.59 11.28
C ILE B 33 10.93 -22.15 10.83
N VAL B 34 11.99 -21.37 11.00
CA VAL B 34 12.00 -20.02 10.46
C VAL B 34 12.47 -20.14 9.02
N ALA B 35 11.65 -19.65 8.09
CA ALA B 35 11.93 -19.77 6.66
C ALA B 35 12.36 -18.42 6.12
N VAL B 36 13.62 -18.34 5.70
CA VAL B 36 14.22 -17.10 5.21
C VAL B 36 14.17 -17.09 3.70
N LEU B 37 13.42 -16.13 3.14
CA LEU B 37 13.25 -16.05 1.69
C LEU B 37 14.53 -15.63 0.97
N ILE B 38 14.90 -16.34 -0.09
CA ILE B 38 15.91 -15.81 -0.99
C ILE B 38 15.17 -15.24 -2.20
N ASN B 39 15.46 -13.98 -2.52
CA ASN B 39 14.63 -13.16 -3.40
C ASN B 39 15.36 -12.72 -4.68
N PRO B 40 14.62 -12.29 -5.72
CA PRO B 40 15.29 -11.87 -6.95
C PRO B 40 16.09 -10.59 -6.79
N ALA B 43 19.38 -8.57 -3.09
CA ALA B 43 18.25 -7.67 -3.23
C ALA B 43 18.17 -6.71 -2.04
N GLY B 44 18.62 -7.16 -0.88
CA GLY B 44 18.55 -6.39 0.35
C GLY B 44 19.91 -6.11 0.98
N MET B 45 19.90 -5.76 2.25
CA MET B 45 21.12 -5.31 2.91
C MET B 45 22.02 -6.48 3.30
N PHE B 46 21.41 -7.56 3.79
CA PHE B 46 22.18 -8.71 4.27
C PHE B 46 21.99 -9.92 3.37
N THR B 47 23.07 -10.68 3.18
CA THR B 47 22.99 -11.93 2.43
C THR B 47 22.12 -12.92 3.20
N VAL B 48 21.63 -13.96 2.53
CA VAL B 48 20.80 -14.96 3.20
C VAL B 48 21.56 -15.63 4.35
N ASP B 49 22.84 -15.89 4.13
CA ASP B 49 23.66 -16.52 5.16
C ASP B 49 23.82 -15.61 6.37
N GLU B 50 24.00 -14.31 6.10
CA GLU B 50 24.08 -13.35 7.19
C GLU B 50 22.76 -13.31 7.97
N ARG B 51 21.63 -13.30 7.25
CA ARG B 51 20.34 -13.26 7.92
C ARG B 51 20.12 -14.50 8.78
N ILE B 52 20.43 -15.66 8.21
CA ILE B 52 20.28 -16.93 8.95
C ILE B 52 21.13 -16.94 10.21
N GLU B 53 22.36 -16.43 10.14
CA GLU B 53 23.23 -16.43 11.32
C GLU B 53 22.71 -15.46 12.38
N MET B 54 22.20 -14.31 11.96
CA MET B 54 21.64 -13.38 12.93
C MET B 54 20.41 -13.99 13.62
N ILE B 55 19.60 -14.74 12.88
CA ILE B 55 18.42 -15.37 13.49
C ILE B 55 18.88 -16.46 14.47
N ARG B 56 19.87 -17.25 14.06
CA ARG B 56 20.38 -18.33 14.93
C ARG B 56 20.98 -17.80 16.24
N GLU B 57 21.74 -16.71 16.16
CA GLU B 57 22.27 -16.09 17.37
C GLU B 57 21.15 -15.63 18.30
N SER B 58 20.12 -15.03 17.72
CA SER B 58 19.02 -14.45 18.47
C SER B 58 18.09 -15.49 19.06
N THR B 59 18.08 -16.70 18.49
CA THR B 59 17.19 -17.77 18.94
C THR B 59 17.96 -18.92 19.58
N ALA B 60 19.14 -18.63 20.09
CA ALA B 60 20.01 -19.66 20.67
C ALA B 60 19.34 -20.45 21.78
N ASP B 61 18.39 -19.83 22.47
CA ASP B 61 17.71 -20.49 23.57
C ASP B 61 16.38 -21.12 23.20
N LEU B 62 16.14 -21.30 21.90
CA LEU B 62 14.94 -21.97 21.41
C LEU B 62 15.34 -23.29 20.76
N PRO B 63 15.42 -24.37 21.57
CA PRO B 63 15.96 -25.61 21.01
C PRO B 63 15.10 -26.27 19.95
N ASN B 64 13.79 -26.00 19.96
CA ASN B 64 12.87 -26.63 19.01
C ASN B 64 12.60 -25.77 17.77
N LEU B 65 13.41 -24.72 17.61
CA LEU B 65 13.31 -23.84 16.44
C LEU B 65 14.57 -23.97 15.59
N ARG B 66 14.40 -24.16 14.28
CA ARG B 66 15.57 -24.14 13.39
C ARG B 66 15.35 -23.14 12.28
N VAL B 67 16.44 -22.76 11.61
CA VAL B 67 16.40 -21.72 10.58
C VAL B 67 16.87 -22.29 9.24
N GLU B 68 16.11 -22.08 8.18
CA GLU B 68 16.45 -22.56 6.85
C GLU B 68 16.03 -21.55 5.79
N SER B 69 16.70 -21.58 4.65
CA SER B 69 16.32 -20.69 3.56
C SER B 69 15.43 -21.44 2.58
N GLY B 70 14.68 -20.68 1.78
CA GLY B 70 13.84 -21.27 0.77
C GLY B 70 13.52 -20.25 -0.29
N GLN B 71 12.96 -20.70 -1.41
CA GLN B 71 12.46 -19.78 -2.43
C GLN B 71 11.18 -20.36 -3.02
N GLY B 72 10.46 -19.55 -3.80
CA GLY B 72 9.26 -20.02 -4.47
C GLY B 72 8.03 -19.97 -3.58
N LEU B 73 7.12 -20.92 -3.76
CA LEU B 73 5.86 -20.95 -3.03
C LEU B 73 6.08 -21.34 -1.58
N LEU B 74 5.67 -20.50 -0.65
CA LEU B 74 5.84 -20.84 0.77
C LEU B 74 5.14 -22.14 1.13
N VAL B 75 3.97 -22.40 0.56
CA VAL B 75 3.26 -23.61 0.96
C VAL B 75 4.01 -24.88 0.53
N ASP B 76 4.83 -24.79 -0.51
CA ASP B 76 5.67 -25.93 -0.87
C ASP B 76 6.76 -26.17 0.18
N PHE B 77 7.37 -25.08 0.64
CA PHE B 77 8.37 -25.14 1.69
C PHE B 77 7.77 -25.81 2.94
N VAL B 78 6.55 -25.40 3.29
CA VAL B 78 5.89 -25.96 4.47
C VAL B 78 5.56 -27.45 4.31
N ARG B 79 4.95 -27.83 3.19
CA ARG B 79 4.53 -29.21 2.99
C ARG B 79 5.71 -30.15 2.79
N GLU B 80 6.81 -29.63 2.23
CA GLU B 80 8.00 -30.45 1.99
C GLU B 80 8.58 -30.90 3.30
N ARG B 81 8.29 -30.15 4.36
CA ARG B 81 8.85 -30.46 5.67
C ARG B 81 7.83 -31.15 6.58
N GLY B 82 6.74 -31.62 5.98
CA GLY B 82 5.77 -32.41 6.71
C GLY B 82 4.80 -31.61 7.58
N LEU B 83 4.75 -30.30 7.36
CA LEU B 83 3.93 -29.43 8.21
C LEU B 83 2.79 -28.87 7.39
N ASN B 84 1.84 -28.21 8.05
CA ASN B 84 0.81 -27.50 7.29
C ASN B 84 0.27 -26.33 8.08
N ALA B 85 1.18 -25.65 8.78
CA ALA B 85 0.84 -24.43 9.51
C ALA B 85 1.92 -23.38 9.36
N ILE B 86 1.45 -22.15 9.18
CA ILE B 86 2.28 -20.96 9.13
C ILE B 86 1.96 -20.11 10.35
N VAL B 87 2.98 -19.54 11.02
CA VAL B 87 2.72 -18.57 12.07
C VAL B 87 3.36 -17.22 11.69
N LYS B 88 2.56 -16.17 11.74
CA LYS B 88 3.01 -14.83 11.36
C LYS B 88 2.58 -13.76 12.36
N GLY B 89 3.43 -12.75 12.56
CA GLY B 89 3.07 -11.67 13.47
C GLY B 89 2.27 -10.63 12.72
N LEU B 90 1.37 -9.97 13.43
CA LEU B 90 0.52 -8.92 12.86
C LEU B 90 0.56 -7.67 13.72
N ARG B 91 0.58 -6.50 13.07
N ARG B 91 0.55 -6.54 13.02
CA ARG B 91 0.60 -5.25 13.82
CA ARG B 91 0.66 -5.23 13.65
C ARG B 91 -0.70 -4.44 13.71
C ARG B 91 -0.68 -4.51 13.70
N THR B 92 -1.31 -4.43 12.53
CA THR B 92 -2.49 -3.58 12.33
C THR B 92 -3.63 -4.31 11.63
N GLY B 93 -4.80 -3.68 11.64
CA GLY B 93 -5.94 -4.19 10.88
C GLY B 93 -5.65 -4.23 9.40
N THR B 94 -4.87 -3.26 8.91
CA THR B 94 -4.47 -3.23 7.50
C THR B 94 -3.62 -4.46 7.18
N ASP B 95 -2.68 -4.76 8.08
CA ASP B 95 -1.87 -5.97 7.97
C ASP B 95 -2.76 -7.19 7.86
N PHE B 96 -3.77 -7.25 8.73
CA PHE B 96 -4.64 -8.41 8.75
C PHE B 96 -5.33 -8.57 7.38
N GLU B 97 -5.83 -7.48 6.80
CA GLU B 97 -6.58 -7.54 5.54
C GLU B 97 -5.75 -8.05 4.35
N TYR B 98 -4.50 -7.61 4.24
CA TYR B 98 -3.60 -8.15 3.20
C TYR B 98 -3.17 -9.58 3.48
N GLU B 99 -2.83 -9.85 4.72
CA GLU B 99 -2.38 -11.18 5.09
C GLU B 99 -3.53 -12.16 5.05
N LEU B 100 -4.76 -11.68 5.23
CA LEU B 100 -5.91 -12.57 5.20
C LEU B 100 -6.05 -13.13 3.80
N GLN B 101 -5.83 -12.28 2.80
CA GLN B 101 -5.94 -12.72 1.41
C GLN B 101 -4.94 -13.85 1.15
N MET B 102 -3.70 -13.63 1.55
CA MET B 102 -2.67 -14.63 1.32
C MET B 102 -2.95 -15.90 2.12
N ALA B 103 -3.45 -15.75 3.34
CA ALA B 103 -3.77 -16.93 4.16
C ALA B 103 -4.87 -17.78 3.53
N GLN B 104 -5.93 -17.13 3.06
CA GLN B 104 -7.02 -17.84 2.40
C GLN B 104 -6.53 -18.52 1.13
N MET B 105 -5.69 -17.82 0.37
CA MET B 105 -5.09 -18.39 -0.84
C MET B 105 -4.23 -19.59 -0.52
N ASN B 106 -3.40 -19.47 0.52
CA ASN B 106 -2.54 -20.59 0.90
C ASN B 106 -3.31 -21.81 1.41
N LYS B 107 -4.42 -21.56 2.10
CA LYS B 107 -5.29 -22.65 2.54
C LYS B 107 -5.99 -23.31 1.36
N HIS B 108 -6.39 -22.49 0.39
CA HIS B 108 -7.09 -22.98 -0.79
C HIS B 108 -6.19 -23.86 -1.66
N ILE B 109 -4.98 -23.39 -1.93
CA ILE B 109 -4.11 -24.07 -2.87
C ILE B 109 -3.36 -25.26 -2.27
N ALA B 110 -3.21 -25.30 -0.94
CA ALA B 110 -2.36 -26.35 -0.40
C ALA B 110 -2.80 -26.90 0.96
N GLY B 111 -3.91 -26.40 1.49
CA GLY B 111 -4.43 -26.93 2.74
C GLY B 111 -3.58 -26.50 3.93
N VAL B 112 -2.76 -25.48 3.73
CA VAL B 112 -1.87 -24.99 4.78
C VAL B 112 -2.55 -23.87 5.56
N ASP B 113 -2.63 -24.05 6.88
CA ASP B 113 -3.25 -23.12 7.84
C ASP B 113 -2.32 -21.95 8.17
N THR B 114 -2.88 -20.80 8.52
CA THR B 114 -2.06 -19.69 9.03
C THR B 114 -2.61 -19.18 10.36
N PHE B 115 -1.72 -19.09 11.35
CA PHE B 115 -2.06 -18.55 12.65
C PHE B 115 -1.34 -17.24 12.82
N PHE B 116 -2.08 -16.20 13.17
CA PHE B 116 -1.52 -14.87 13.36
C PHE B 116 -1.38 -14.54 14.84
N VAL B 117 -0.33 -13.83 15.19
CA VAL B 117 -0.17 -13.46 16.57
C VAL B 117 0.07 -11.96 16.63
N ALA B 118 -0.61 -11.27 17.54
CA ALA B 118 -0.44 -9.83 17.69
C ALA B 118 0.93 -9.53 18.27
N THR B 119 1.60 -8.56 17.64
CA THR B 119 2.87 -8.04 18.10
C THR B 119 2.85 -7.63 19.58
N ALA B 120 3.95 -7.84 20.30
CA ALA B 120 4.05 -7.30 21.65
C ALA B 120 3.96 -5.78 21.52
N PRO B 121 3.27 -5.12 22.45
CA PRO B 121 3.07 -3.66 22.33
C PRO B 121 4.38 -2.89 22.11
N ALA B 122 5.45 -3.31 22.78
CA ALA B 122 6.73 -2.62 22.70
C ALA B 122 7.34 -2.62 21.30
N TYR B 123 6.95 -3.60 20.48
CA TYR B 123 7.56 -3.75 19.15
C TYR B 123 6.60 -3.45 18.01
N SER B 124 5.50 -2.79 18.33
CA SER B 124 4.48 -2.54 17.34
C SER B 124 4.90 -1.53 16.27
N PHE B 125 5.96 -0.77 16.50
CA PHE B 125 6.35 0.20 15.48
C PHE B 125 7.66 -0.18 14.81
N VAL B 126 8.21 -1.34 15.13
CA VAL B 126 9.46 -1.76 14.50
C VAL B 126 9.21 -2.63 13.26
N SER B 127 9.98 -2.36 12.22
CA SER B 127 10.04 -3.20 11.04
C SER B 127 11.49 -3.21 10.57
N SER B 128 11.85 -4.22 9.79
CA SER B 128 13.19 -4.27 9.22
C SER B 128 13.45 -3.01 8.39
N SER B 129 12.47 -2.64 7.58
CA SER B 129 12.61 -1.49 6.68
C SER B 129 12.82 -0.19 7.42
N LEU B 130 11.97 0.09 8.40
CA LEU B 130 12.09 1.34 9.14
C LEU B 130 13.35 1.38 10.00
N ALA B 131 13.75 0.25 10.59
CA ALA B 131 14.99 0.21 11.39
C ALA B 131 16.21 0.55 10.52
N LYS B 132 16.26 -0.02 9.32
CA LYS B 132 17.37 0.25 8.40
C LYS B 132 17.40 1.73 8.03
N GLU B 133 16.23 2.27 7.68
CA GLU B 133 16.11 3.65 7.25
C GLU B 133 16.56 4.61 8.35
N VAL B 134 16.09 4.37 9.56
CA VAL B 134 16.46 5.20 10.70
C VAL B 134 17.96 5.11 10.99
N ALA B 135 18.49 3.89 11.01
CA ALA B 135 19.91 3.67 11.29
C ALA B 135 20.79 4.32 10.23
N THR B 136 20.34 4.29 8.98
CA THR B 136 21.11 4.89 7.88
C THR B 136 21.40 6.36 8.15
N TYR B 137 20.44 7.06 8.76
CA TYR B 137 20.60 8.48 9.02
C TYR B 137 21.00 8.76 10.45
N GLY B 138 21.52 7.73 11.13
CA GLY B 138 22.13 7.90 12.44
C GLY B 138 21.19 7.79 13.63
N GLY B 139 19.96 7.36 13.40
CA GLY B 139 19.02 7.17 14.50
C GLY B 139 19.37 5.93 15.28
N ASP B 140 19.10 5.96 16.59
CA ASP B 140 19.44 4.84 17.47
C ASP B 140 18.32 3.80 17.57
N VAL B 141 18.53 2.65 16.94
CA VAL B 141 17.53 1.58 16.95
C VAL B 141 18.00 0.37 17.75
N SER B 142 18.96 0.57 18.65
CA SER B 142 19.52 -0.54 19.41
C SER B 142 18.53 -1.21 20.38
N ALA B 143 17.47 -0.50 20.76
CA ALA B 143 16.46 -1.08 21.67
C ALA B 143 15.43 -1.94 20.94
N LEU B 144 15.55 -1.98 19.61
CA LEU B 144 14.54 -2.59 18.76
C LEU B 144 15.06 -3.81 18.02
N LEU B 145 16.36 -4.06 18.13
CA LEU B 145 17.01 -5.16 17.45
C LEU B 145 17.78 -6.01 18.44
N PRO B 146 17.95 -7.31 18.14
CA PRO B 146 18.86 -8.10 18.98
C PRO B 146 20.25 -7.47 19.00
N ALA B 147 21.01 -7.67 20.07
CA ALA B 147 22.30 -7.00 20.25
C ALA B 147 23.28 -7.27 19.11
N SER B 148 23.32 -8.53 18.69
CA SER B 148 24.22 -8.97 17.63
C SER B 148 23.88 -8.32 16.30
N VAL B 149 22.59 -8.19 16.03
CA VAL B 149 22.12 -7.56 14.81
C VAL B 149 22.54 -6.10 14.72
N HIS B 150 22.39 -5.36 15.82
CA HIS B 150 22.73 -3.95 15.83
C HIS B 150 24.21 -3.76 15.52
N GLN B 151 25.03 -4.69 16.02
CA GLN B 151 26.47 -4.69 15.75
C GLN B 151 26.78 -4.85 14.26
N ARG B 152 26.17 -5.85 13.62
CA ARG B 152 26.37 -6.10 12.19
C ARG B 152 25.88 -4.94 11.34
N LEU B 153 24.75 -4.35 11.76
CA LEU B 153 24.09 -3.30 10.99
C LEU B 153 24.96 -2.05 10.87
N LEU B 154 25.59 -1.67 11.99
CA LEU B 154 26.53 -0.56 11.98
C LEU B 154 27.69 -0.82 11.03
N GLY B 155 28.10 -2.08 10.94
CA GLY B 155 29.18 -2.47 10.07
C GLY B 155 28.85 -2.24 8.60
N LYS B 156 27.68 -2.73 8.17
CA LYS B 156 27.23 -2.56 6.79
C LYS B 156 27.11 -1.09 6.42
N LEU B 157 26.71 -0.27 7.40
CA LEU B 157 26.47 1.15 7.16
C LEU B 157 27.75 1.97 7.04
N ARG B 158 28.83 1.48 7.65
CA ARG B 158 30.11 2.20 7.62
C ARG B 158 30.92 1.83 6.38
N MET C 2 6.59 29.87 23.65
CA MET C 2 7.59 29.37 22.70
C MET C 2 7.14 28.06 22.06
N THR C 3 5.85 27.92 21.80
CA THR C 3 5.33 26.68 21.22
C THR C 3 5.62 26.63 19.73
N GLY C 4 5.74 25.41 19.19
CA GLY C 4 6.06 25.29 17.78
C GLY C 4 5.82 23.90 17.24
N ALA C 5 5.50 23.82 15.94
CA ALA C 5 5.33 22.52 15.29
C ALA C 5 5.85 22.56 13.87
N VAL C 6 6.24 21.39 13.38
CA VAL C 6 6.70 21.24 12.01
C VAL C 6 5.66 20.46 11.20
N CYS C 7 5.33 20.98 10.01
CA CYS C 7 4.44 20.29 9.07
C CYS C 7 5.25 19.75 7.88
N PRO C 8 5.47 18.43 7.82
CA PRO C 8 6.38 17.84 6.84
C PRO C 8 5.67 17.34 5.60
N GLY C 9 6.43 17.24 4.50
CA GLY C 9 5.91 16.57 3.32
C GLY C 9 6.79 16.81 2.12
N SER C 10 6.39 16.22 0.99
CA SER C 10 7.08 16.50 -0.26
CA SER C 10 7.08 16.49 -0.27
C SER C 10 6.44 17.68 -0.98
N PHE C 11 5.12 17.82 -0.81
CA PHE C 11 4.36 18.94 -1.38
C PHE C 11 4.66 19.16 -2.85
N ASP C 12 4.42 18.14 -3.66
CA ASP C 12 4.76 18.17 -5.07
C ASP C 12 3.54 18.03 -5.99
N PRO C 13 2.69 19.07 -6.04
CA PRO C 13 2.73 20.35 -5.36
C PRO C 13 1.89 20.37 -4.09
N VAL C 14 2.00 21.45 -3.33
CA VAL C 14 1.10 21.71 -2.21
C VAL C 14 -0.34 21.78 -2.73
N THR C 15 -1.27 21.20 -1.98
CA THR C 15 -2.68 21.24 -2.31
C THR C 15 -3.44 22.07 -1.29
N LEU C 16 -4.73 22.28 -1.54
CA LEU C 16 -5.57 22.97 -0.58
C LEU C 16 -5.77 22.13 0.68
N GLY C 17 -5.63 20.81 0.56
CA GLY C 17 -5.63 19.96 1.75
C GLY C 17 -4.45 20.28 2.66
N HIS C 18 -3.26 20.42 2.07
CA HIS C 18 -2.06 20.76 2.83
C HIS C 18 -2.21 22.15 3.46
N LEU C 19 -2.66 23.10 2.67
CA LEU C 19 -2.80 24.47 3.12
C LEU C 19 -3.75 24.56 4.30
N ASP C 20 -4.83 23.78 4.27
CA ASP C 20 -5.78 23.74 5.38
C ASP C 20 -5.08 23.31 6.65
N VAL C 21 -4.22 22.30 6.52
CA VAL C 21 -3.49 21.82 7.69
C VAL C 21 -2.51 22.89 8.21
N PHE C 22 -1.80 23.55 7.30
CA PHE C 22 -0.87 24.64 7.67
C PHE C 22 -1.59 25.72 8.46
N GLU C 23 -2.76 26.10 7.98
CA GLU C 23 -3.55 27.16 8.60
C GLU C 23 -4.00 26.76 9.99
N ARG C 24 -4.38 25.49 10.15
CA ARG C 24 -4.80 25.00 11.45
C ARG C 24 -3.62 24.91 12.41
N ALA C 25 -2.46 24.51 11.91
CA ALA C 25 -1.28 24.44 12.77
C ALA C 25 -0.85 25.85 13.18
N ALA C 26 -0.91 26.77 12.24
CA ALA C 26 -0.53 28.17 12.52
C ALA C 26 -1.45 28.82 13.53
N ALA C 27 -2.71 28.37 13.59
CA ALA C 27 -3.67 28.92 14.52
C ALA C 27 -3.47 28.41 15.96
N GLN C 28 -2.71 27.33 16.13
CA GLN C 28 -2.62 26.70 17.46
C GLN C 28 -1.21 26.66 18.04
N PHE C 29 -0.20 26.99 17.24
CA PHE C 29 1.18 27.03 17.71
C PHE C 29 1.78 28.39 17.37
N ASP C 30 2.64 28.92 18.24
CA ASP C 30 3.24 30.22 18.01
C ASP C 30 4.10 30.24 16.75
N GLU C 31 4.68 29.10 16.43
CA GLU C 31 5.67 28.97 15.36
C GLU C 31 5.38 27.72 14.54
N VAL C 32 5.20 27.87 13.23
CA VAL C 32 5.09 26.71 12.36
C VAL C 32 6.16 26.72 11.28
N ILE C 33 6.85 25.60 11.12
CA ILE C 33 7.76 25.44 9.99
C ILE C 33 7.26 24.35 9.04
N VAL C 34 7.10 24.71 7.77
CA VAL C 34 6.78 23.69 6.78
C VAL C 34 8.07 23.09 6.27
N ALA C 35 8.20 21.78 6.42
CA ALA C 35 9.42 21.07 6.07
C ALA C 35 9.27 20.36 4.75
N VAL C 36 10.01 20.82 3.76
CA VAL C 36 9.91 20.27 2.42
C VAL C 36 11.04 19.29 2.17
N LEU C 37 10.69 18.04 1.90
CA LEU C 37 11.66 16.98 1.74
C LEU C 37 12.36 17.08 0.39
N ILE C 38 13.67 16.90 0.39
CA ILE C 38 14.42 16.88 -0.85
C ILE C 38 15.11 15.54 -1.05
N ALA C 43 13.00 12.97 -7.31
CA ALA C 43 12.65 13.26 -8.70
C ALA C 43 11.13 13.28 -8.87
N GLY C 44 10.52 14.40 -8.53
CA GLY C 44 9.08 14.56 -8.71
C GLY C 44 8.79 15.46 -9.88
N MET C 45 7.72 16.22 -9.81
CA MET C 45 7.37 17.15 -10.87
C MET C 45 8.04 18.49 -10.70
N PHE C 46 8.04 19.00 -9.46
CA PHE C 46 8.59 20.31 -9.18
C PHE C 46 9.93 20.21 -8.43
N THR C 47 10.80 21.19 -8.66
CA THR C 47 12.06 21.25 -7.93
C THR C 47 11.77 21.70 -6.50
N VAL C 48 12.74 21.49 -5.61
CA VAL C 48 12.57 21.91 -4.22
C VAL C 48 12.28 23.40 -4.13
N ASP C 49 13.05 24.21 -4.87
CA ASP C 49 12.82 25.65 -4.87
C ASP C 49 11.41 26.00 -5.35
N GLU C 50 10.96 25.29 -6.39
CA GLU C 50 9.62 25.50 -6.92
C GLU C 50 8.55 25.19 -5.88
N ARG C 51 8.72 24.09 -5.17
CA ARG C 51 7.75 23.69 -4.16
C ARG C 51 7.72 24.67 -3.00
N ILE C 52 8.91 25.06 -2.55
CA ILE C 52 9.03 26.07 -1.52
C ILE C 52 8.31 27.36 -1.92
N GLU C 53 8.59 27.84 -3.13
CA GLU C 53 7.98 29.08 -3.63
C GLU C 53 6.45 28.99 -3.63
N MET C 54 5.92 27.87 -4.12
CA MET C 54 4.48 27.68 -4.19
C MET C 54 3.84 27.70 -2.81
N ILE C 55 4.52 27.13 -1.81
CA ILE C 55 3.97 27.15 -0.47
C ILE C 55 4.03 28.56 0.12
N ARG C 56 5.15 29.24 -0.08
CA ARG C 56 5.29 30.60 0.42
C ARG C 56 4.20 31.50 -0.17
N GLU C 57 3.96 31.36 -1.47
CA GLU C 57 2.91 32.14 -2.15
C GLU C 57 1.54 31.93 -1.50
N SER C 58 1.26 30.68 -1.15
CA SER C 58 -0.05 30.30 -0.63
C SER C 58 -0.24 30.59 0.87
N THR C 59 0.85 30.90 1.56
CA THR C 59 0.76 31.12 3.01
C THR C 59 1.16 32.53 3.44
N ALA C 60 1.01 33.50 2.54
CA ALA C 60 1.42 34.87 2.83
C ALA C 60 0.63 35.46 4.00
N ASP C 61 -0.58 34.99 4.21
CA ASP C 61 -1.42 35.49 5.29
C ASP C 61 -1.16 34.78 6.63
N LEU C 62 -0.14 33.93 6.68
CA LEU C 62 0.21 33.25 7.92
C LEU C 62 1.56 33.76 8.41
N PRO C 63 1.53 34.79 9.27
CA PRO C 63 2.74 35.51 9.71
C PRO C 63 3.69 34.67 10.55
N ASN C 64 3.16 33.67 11.26
CA ASN C 64 3.99 32.83 12.10
C ASN C 64 4.43 31.52 11.45
N LEU C 65 4.35 31.45 10.12
CA LEU C 65 4.76 30.26 9.37
C LEU C 65 5.96 30.54 8.46
N ARG C 66 6.90 29.60 8.41
CA ARG C 66 7.96 29.70 7.41
C ARG C 66 8.22 28.35 6.74
N VAL C 67 8.95 28.40 5.63
CA VAL C 67 9.11 27.24 4.76
C VAL C 67 10.59 26.97 4.56
N GLU C 68 11.02 25.75 4.84
CA GLU C 68 12.42 25.37 4.68
C GLU C 68 12.54 23.95 4.13
N SER C 69 13.62 23.70 3.41
CA SER C 69 13.87 22.38 2.86
C SER C 69 14.73 21.57 3.81
N GLY C 70 14.68 20.25 3.67
CA GLY C 70 15.48 19.40 4.52
C GLY C 70 15.68 18.02 3.94
N GLN C 71 16.57 17.27 4.58
CA GLN C 71 16.97 15.95 4.13
C GLN C 71 17.16 15.06 5.36
N GLY C 72 17.23 13.74 5.17
CA GLY C 72 17.47 12.84 6.27
C GLY C 72 16.29 12.66 7.21
N LEU C 73 16.55 12.37 8.47
CA LEU C 73 15.49 12.13 9.46
C LEU C 73 14.72 13.40 9.76
N LEU C 74 13.39 13.33 9.67
CA LEU C 74 12.55 14.44 10.05
C LEU C 74 12.80 14.87 11.49
N VAL C 75 13.05 13.91 12.40
CA VAL C 75 13.20 14.29 13.80
C VAL C 75 14.43 15.17 14.00
N ASP C 76 15.44 15.03 13.16
CA ASP C 76 16.63 15.87 13.27
C ASP C 76 16.33 17.28 12.76
N PHE C 77 15.58 17.37 11.66
CA PHE C 77 15.11 18.66 11.18
C PHE C 77 14.33 19.37 12.26
N VAL C 78 13.48 18.64 12.97
CA VAL C 78 12.63 19.23 13.98
C VAL C 78 13.45 19.69 15.18
N ARG C 79 14.29 18.79 15.70
CA ARG C 79 15.08 19.07 16.90
C ARG C 79 16.12 20.16 16.69
N GLU C 80 16.71 20.21 15.50
CA GLU C 80 17.71 21.23 15.19
C GLU C 80 17.11 22.64 15.17
N ARG C 81 15.79 22.73 15.15
CA ARG C 81 15.12 24.02 15.22
C ARG C 81 14.48 24.26 16.59
N GLY C 82 14.84 23.45 17.57
CA GLY C 82 14.44 23.64 18.95
C GLY C 82 13.04 23.16 19.29
N LEU C 83 12.42 22.43 18.36
CA LEU C 83 11.04 21.99 18.55
C LEU C 83 11.00 20.49 18.77
N ASN C 84 9.84 19.98 19.19
CA ASN C 84 9.65 18.53 19.27
C ASN C 84 8.21 18.09 19.00
N ALA C 85 7.57 18.74 18.03
CA ALA C 85 6.24 18.35 17.61
C ALA C 85 6.10 18.43 16.10
N ILE C 86 5.40 17.45 15.56
CA ILE C 86 5.05 17.35 14.15
C ILE C 86 3.53 17.46 14.05
N VAL C 87 3.03 18.22 13.08
CA VAL C 87 1.60 18.22 12.81
C VAL C 87 1.37 17.71 11.40
N LYS C 88 0.56 16.67 11.26
CA LYS C 88 0.31 16.10 9.94
C LYS C 88 -1.17 15.83 9.70
N GLY C 89 -1.63 16.03 8.47
CA GLY C 89 -3.02 15.83 8.15
C GLY C 89 -3.32 14.37 7.83
N LEU C 90 -4.54 13.92 8.16
CA LEU C 90 -4.95 12.51 7.97
C LEU C 90 -6.32 12.41 7.36
N ARG C 91 -6.46 11.50 6.39
CA ARG C 91 -7.70 11.30 5.67
C ARG C 91 -8.47 10.06 6.12
N THR C 92 -7.74 8.97 6.35
CA THR C 92 -8.36 7.67 6.54
C THR C 92 -7.79 6.92 7.73
N GLY C 93 -8.47 5.83 8.11
CA GLY C 93 -7.95 4.93 9.12
C GLY C 93 -6.68 4.24 8.65
N THR C 94 -6.62 3.92 7.36
CA THR C 94 -5.42 3.33 6.76
C THR C 94 -4.24 4.28 6.94
N ASP C 95 -4.50 5.56 6.66
CA ASP C 95 -3.51 6.60 6.91
C ASP C 95 -3.02 6.56 8.35
N PHE C 96 -3.96 6.47 9.28
CA PHE C 96 -3.57 6.54 10.68
C PHE C 96 -2.63 5.40 11.05
N GLU C 97 -2.94 4.18 10.59
CA GLU C 97 -2.19 2.99 11.02
C GLU C 97 -0.72 2.98 10.54
N TYR C 98 -0.46 3.48 9.34
CA TYR C 98 0.94 3.54 8.88
C TYR C 98 1.66 4.78 9.41
N GLU C 99 0.96 5.91 9.51
CA GLU C 99 1.54 7.10 10.15
C GLU C 99 1.78 6.85 11.63
N LEU C 100 0.95 5.99 12.24
CA LEU C 100 1.13 5.67 13.64
C LEU C 100 2.48 5.02 13.88
N GLN C 101 2.88 4.12 12.98
CA GLN C 101 4.17 3.44 13.13
C GLN C 101 5.30 4.45 13.11
N MET C 102 5.25 5.40 12.19
CA MET C 102 6.32 6.38 12.12
C MET C 102 6.27 7.35 13.30
N ALA C 103 5.08 7.64 13.79
CA ALA C 103 4.94 8.55 14.92
C ALA C 103 5.58 7.91 16.15
N GLN C 104 5.28 6.64 16.39
CA GLN C 104 5.87 5.93 17.54
CA GLN C 104 5.87 5.99 17.56
C GLN C 104 7.38 5.83 17.41
N MET C 105 7.86 5.58 16.20
CA MET C 105 9.30 5.47 15.95
C MET C 105 9.97 6.82 16.24
N ASN C 106 9.37 7.89 15.76
CA ASN C 106 9.93 9.21 15.96
C ASN C 106 9.95 9.62 17.42
N LYS C 107 8.93 9.23 18.17
CA LYS C 107 8.87 9.53 19.59
C LYS C 107 9.97 8.73 20.29
N HIS C 108 10.14 7.49 19.87
CA HIS C 108 11.11 6.60 20.49
C HIS C 108 12.55 7.10 20.28
N ILE C 109 12.88 7.49 19.05
CA ILE C 109 14.28 7.77 18.76
C ILE C 109 14.69 9.20 19.14
N ALA C 110 13.73 10.11 19.27
CA ALA C 110 14.09 11.50 19.44
C ALA C 110 13.17 12.28 20.36
N GLY C 111 12.18 11.61 20.93
CA GLY C 111 11.22 12.25 21.82
C GLY C 111 10.39 13.33 21.15
N VAL C 112 10.19 13.19 19.84
CA VAL C 112 9.37 14.14 19.07
C VAL C 112 7.93 13.64 18.98
N ASP C 113 6.99 14.46 19.41
CA ASP C 113 5.56 14.15 19.40
C ASP C 113 4.96 14.38 18.00
N THR C 114 3.90 13.65 17.66
CA THR C 114 3.17 13.90 16.40
C THR C 114 1.69 14.12 16.69
N PHE C 115 1.15 15.22 16.18
CA PHE C 115 -0.26 15.51 16.31
C PHE C 115 -0.88 15.40 14.95
N PHE C 116 -1.94 14.61 14.84
CA PHE C 116 -2.65 14.45 13.57
C PHE C 116 -3.93 15.25 13.56
N VAL C 117 -4.27 15.81 12.39
CA VAL C 117 -5.52 16.52 12.27
C VAL C 117 -6.31 15.96 11.07
N ALA C 118 -7.60 15.76 11.27
CA ALA C 118 -8.46 15.28 10.19
C ALA C 118 -8.55 16.32 9.10
N THR C 119 -8.40 15.91 7.86
CA THR C 119 -8.57 16.75 6.70
CA THR C 119 -8.49 16.93 6.83
C THR C 119 -9.94 17.42 6.71
N ALA C 120 -10.08 18.58 6.10
CA ALA C 120 -11.41 19.17 5.92
C ALA C 120 -12.18 18.26 4.98
N PRO C 121 -13.49 18.10 5.23
CA PRO C 121 -14.33 17.20 4.40
C PRO C 121 -14.17 17.45 2.92
N ALA C 122 -14.09 18.72 2.52
CA ALA C 122 -14.05 19.10 1.10
C ALA C 122 -12.76 18.64 0.40
N TYR C 123 -11.70 18.39 1.17
CA TYR C 123 -10.43 17.96 0.60
C TYR C 123 -10.09 16.51 0.90
N SER C 124 -11.11 15.73 1.26
CA SER C 124 -10.86 14.35 1.69
C SER C 124 -10.24 13.50 0.57
N PHE C 125 -10.48 13.87 -0.68
CA PHE C 125 -10.08 13.06 -1.81
C PHE C 125 -8.91 13.66 -2.61
N VAL C 126 -8.36 14.77 -2.14
CA VAL C 126 -7.28 15.40 -2.88
C VAL C 126 -5.93 14.94 -2.33
N SER C 127 -5.02 14.62 -3.23
CA SER C 127 -3.63 14.36 -2.90
C SER C 127 -2.78 14.93 -4.02
N SER C 128 -1.51 15.19 -3.77
CA SER C 128 -0.62 15.69 -4.82
C SER C 128 -0.59 14.74 -6.02
N SER C 129 -0.50 13.44 -5.72
CA SER C 129 -0.38 12.42 -6.76
C SER C 129 -1.61 12.34 -7.65
N LEU C 130 -2.79 12.29 -7.02
CA LEU C 130 -4.03 12.19 -7.80
C LEU C 130 -4.31 13.47 -8.58
N ALA C 131 -3.96 14.62 -8.01
CA ALA C 131 -4.17 15.89 -8.70
C ALA C 131 -3.30 15.96 -9.97
N LYS C 132 -2.05 15.52 -9.87
CA LYS C 132 -1.16 15.49 -11.02
C LYS C 132 -1.66 14.52 -12.08
N GLU C 133 -2.08 13.34 -11.65
CA GLU C 133 -2.58 12.29 -12.54
C GLU C 133 -3.81 12.77 -13.30
N VAL C 134 -4.78 13.31 -12.58
CA VAL C 134 -5.98 13.83 -13.21
C VAL C 134 -5.64 14.98 -14.16
N ALA C 135 -4.80 15.92 -13.71
CA ALA C 135 -4.49 17.09 -14.53
C ALA C 135 -3.77 16.69 -15.81
N THR C 136 -2.93 15.66 -15.71
CA THR C 136 -2.16 15.15 -16.83
C THR C 136 -3.07 14.68 -17.97
N TYR C 137 -4.25 14.19 -17.62
CA TYR C 137 -5.19 13.71 -18.63
C TYR C 137 -6.31 14.70 -18.90
N GLY C 138 -6.11 15.96 -18.52
CA GLY C 138 -7.04 17.02 -18.87
C GLY C 138 -8.14 17.30 -17.87
N GLY C 139 -8.16 16.57 -16.76
CA GLY C 139 -9.17 16.82 -15.75
C GLY C 139 -8.95 18.14 -15.03
N ASP C 140 -10.04 18.80 -14.64
CA ASP C 140 -9.96 20.11 -13.98
C ASP C 140 -9.80 19.98 -12.46
N VAL C 141 -8.59 20.29 -11.97
CA VAL C 141 -8.32 20.21 -10.55
C VAL C 141 -8.19 21.60 -9.93
N SER C 142 -8.69 22.61 -10.62
CA SER C 142 -8.49 24.00 -10.19
C SER C 142 -9.13 24.31 -8.83
N ALA C 143 -10.14 23.56 -8.45
CA ALA C 143 -10.81 23.78 -7.17
C ALA C 143 -10.11 23.09 -6.01
N LEU C 144 -9.01 22.41 -6.31
CA LEU C 144 -8.33 21.57 -5.31
C LEU C 144 -6.93 22.05 -4.99
N LEU C 145 -6.45 23.03 -5.76
CA LEU C 145 -5.11 23.56 -5.63
C LEU C 145 -5.14 25.08 -5.45
N PRO C 146 -4.16 25.63 -4.71
CA PRO C 146 -4.07 27.09 -4.61
C PRO C 146 -3.96 27.72 -5.99
N ALA C 147 -4.53 28.91 -6.18
CA ALA C 147 -4.59 29.55 -7.48
C ALA C 147 -3.24 29.57 -8.19
N SER C 148 -2.20 29.93 -7.43
CA SER C 148 -0.86 30.03 -7.98
C SER C 148 -0.38 28.69 -8.50
N VAL C 149 -0.46 27.68 -7.64
CA VAL C 149 -0.07 26.32 -7.97
C VAL C 149 -0.67 25.83 -9.27
N HIS C 150 -1.98 26.03 -9.41
CA HIS C 150 -2.69 25.55 -10.57
C HIS C 150 -2.09 26.06 -11.88
N GLN C 151 -1.84 27.37 -11.94
CA GLN C 151 -1.19 27.95 -13.12
C GLN C 151 0.18 27.31 -13.36
N ARG C 152 0.97 27.17 -12.31
CA ARG C 152 2.29 26.56 -12.44
C ARG C 152 2.20 25.11 -12.94
N LEU C 153 1.17 24.40 -12.50
CA LEU C 153 0.98 23.01 -12.91
C LEU C 153 0.68 22.91 -14.41
N LEU C 154 -0.24 23.76 -14.87
CA LEU C 154 -0.55 23.84 -16.31
C LEU C 154 0.73 24.04 -17.12
N GLY C 155 1.59 24.94 -16.64
CA GLY C 155 2.85 25.21 -17.29
C GLY C 155 3.74 23.99 -17.42
N LYS C 156 3.83 23.19 -16.36
CA LYS C 156 4.68 22.01 -16.40
C LYS C 156 4.16 20.97 -17.40
N LEU C 157 2.85 20.99 -17.63
CA LEU C 157 2.23 20.03 -18.53
C LEU C 157 2.19 20.57 -19.96
N ARG C 158 1.85 21.85 -20.10
CA ARG C 158 1.77 22.49 -21.42
C ARG C 158 3.13 22.97 -21.88
#